data_8ZXY
#
_entry.id   8ZXY
#
_cell.length_a   51.426
_cell.length_b   58.697
_cell.length_c   66.084
_cell.angle_alpha   90.000
_cell.angle_beta   90.000
_cell.angle_gamma   90.000
#
_symmetry.space_group_name_H-M   'P 21 21 21'
#
loop_
_entity.id
_entity.type
_entity.pdbx_description
1 polymer 'Monellin chain B,Monellin chain A'
2 water water
#
_entity_poly.entity_id   1
_entity_poly.type   'polypeptide(L)'
_entity_poly.pdbx_seq_one_letter_code
;GEWEEIDIGPFTQNLGKFAVDEANKRGQYGRLTFNKVIRPCMKKTIYENEGFREIKGYEYQLYVIASDKLFRADISEDYK
TRRRKLLRFEGPVPPP
;
_entity_poly.pdbx_strand_id   A,B
#
# COMPACT_ATOMS: atom_id res chain seq x y z
N GLY A 1 18.20 0.98 6.99
CA GLY A 1 17.10 1.61 6.29
C GLY A 1 15.73 0.99 6.54
N GLU A 2 15.35 0.91 7.83
CA GLU A 2 14.08 0.35 8.24
C GLU A 2 13.03 1.44 8.32
N TRP A 3 11.79 1.04 8.28
CA TRP A 3 10.74 2.03 8.38
C TRP A 3 10.52 2.44 9.83
N GLU A 4 10.24 3.70 10.01
CA GLU A 4 10.01 4.26 11.32
C GLU A 4 8.73 5.06 11.26
N GLU A 5 7.89 4.92 12.26
CA GLU A 5 6.68 5.67 12.28
C GLU A 5 6.97 7.09 12.73
N ILE A 6 6.38 8.06 12.06
CA ILE A 6 6.55 9.44 12.45
C ILE A 6 5.20 10.02 12.77
N ASP A 7 5.20 11.22 13.32
CA ASP A 7 3.97 11.86 13.73
C ASP A 7 3.19 12.32 12.51
N ILE A 8 1.97 12.76 12.77
CA ILE A 8 1.12 13.30 11.71
C ILE A 8 0.90 14.79 11.93
N GLY A 9 1.89 15.46 12.49
CA GLY A 9 1.82 16.89 12.66
C GLY A 9 2.02 17.61 11.35
N PRO A 10 2.20 18.90 11.44
CA PRO A 10 2.21 19.74 10.25
C PRO A 10 3.16 19.29 9.19
N PHE A 11 4.39 18.92 9.55
CA PHE A 11 5.32 18.46 8.53
C PHE A 11 4.74 17.32 7.73
N THR A 12 4.15 16.37 8.43
CA THR A 12 3.55 15.24 7.75
C THR A 12 2.33 15.66 6.97
N GLN A 13 1.49 16.53 7.52
CA GLN A 13 0.36 17.02 6.76
C GLN A 13 0.82 17.65 5.48
N ASN A 14 1.91 18.39 5.53
CA ASN A 14 2.42 19.04 4.33
C ASN A 14 2.97 18.04 3.36
N LEU A 15 3.52 16.92 3.84
CA LEU A 15 3.89 15.88 2.92
C LEU A 15 2.66 15.34 2.23
N GLY A 16 1.56 15.20 2.95
CA GLY A 16 0.36 14.69 2.31
C GLY A 16 -0.16 15.68 1.31
N LYS A 17 -0.06 16.96 1.63
CA LYS A 17 -0.48 17.97 0.67
C LYS A 17 0.36 17.94 -0.57
N PHE A 18 1.67 17.75 -0.41
CA PHE A 18 2.51 17.60 -1.58
C PHE A 18 2.03 16.42 -2.43
N ALA A 19 1.74 15.30 -1.79
CA ALA A 19 1.31 14.14 -2.55
C ALA A 19 0.05 14.45 -3.33
N VAL A 20 -0.91 15.11 -2.70
CA VAL A 20 -2.15 15.39 -3.38
C VAL A 20 -1.93 16.42 -4.47
N ASP A 21 -1.08 17.42 -4.21
CA ASP A 21 -0.74 18.37 -5.27
C ASP A 21 -0.20 17.61 -6.47
N GLU A 22 0.72 16.69 -6.22
CA GLU A 22 1.30 15.94 -7.32
C GLU A 22 0.29 15.02 -7.97
N ALA A 23 -0.59 14.41 -7.19
CA ALA A 23 -1.58 13.54 -7.78
C ALA A 23 -2.52 14.34 -8.66
N ASN A 24 -2.81 15.57 -8.24
CA ASN A 24 -3.67 16.42 -9.06
C ASN A 24 -3.02 16.74 -10.38
N LYS A 25 -1.73 17.04 -10.35
CA LYS A 25 -1.02 17.32 -11.59
C LYS A 25 -0.97 16.12 -12.49
N ARG A 26 -0.89 14.92 -11.92
CA ARG A 26 -0.76 13.74 -12.77
C ARG A 26 -2.06 13.41 -13.47
N GLY A 27 -3.19 13.76 -12.87
CA GLY A 27 -4.45 13.61 -13.57
C GLY A 27 -4.94 12.19 -13.68
N GLN A 28 -4.48 11.29 -12.82
CA GLN A 28 -4.90 9.91 -12.87
C GLN A 28 -5.88 9.57 -11.76
N TYR A 29 -6.16 10.53 -10.88
CA TYR A 29 -7.03 10.27 -9.74
C TYR A 29 -8.11 11.34 -9.65
N GLY A 30 -8.37 12.03 -10.72
CA GLY A 30 -9.35 13.08 -10.77
C GLY A 30 -8.84 14.27 -9.99
N ARG A 31 -9.75 15.19 -9.75
CA ARG A 31 -9.45 16.38 -8.94
C ARG A 31 -9.60 16.00 -7.48
N LEU A 32 -8.55 16.18 -6.72
CA LEU A 32 -8.57 15.82 -5.32
C LEU A 32 -8.35 17.04 -4.46
N THR A 33 -9.02 17.07 -3.34
CA THR A 33 -8.82 18.13 -2.38
C THR A 33 -8.23 17.54 -1.13
N PHE A 34 -7.02 17.94 -0.83
CA PHE A 34 -6.36 17.40 0.35
C PHE A 34 -7.15 17.71 1.58
N ASN A 35 -7.31 16.70 2.41
CA ASN A 35 -7.97 16.87 3.68
C ASN A 35 -6.96 16.69 4.81
N LYS A 36 -6.43 15.48 4.98
CA LYS A 36 -5.50 15.31 6.08
C LYS A 36 -4.74 14.04 5.85
N VAL A 37 -3.59 13.96 6.46
CA VAL A 37 -2.85 12.73 6.57
C VAL A 37 -3.24 12.09 7.87
N ILE A 38 -3.50 10.81 7.85
CA ILE A 38 -3.86 10.06 9.05
C ILE A 38 -2.70 9.14 9.39
N ARG A 39 -2.75 8.64 10.62
CA ARG A 39 -1.75 7.66 10.99
C ARG A 39 -2.04 6.36 10.26
N PRO A 40 -1.04 5.51 10.06
CA PRO A 40 0.37 5.74 10.40
C PRO A 40 1.10 6.37 9.25
N CYS A 41 2.06 7.21 9.58
CA CYS A 41 2.96 7.76 8.60
C CYS A 41 4.30 7.13 8.87
N MET A 42 4.89 6.60 7.81
CA MET A 42 6.14 5.84 7.96
C MET A 42 7.24 6.54 7.15
N LYS A 43 8.47 6.49 7.64
CA LYS A 43 9.59 7.11 7.00
C LYS A 43 10.73 6.12 7.03
N LYS A 44 11.44 6.02 5.93
CA LYS A 44 12.62 5.21 5.84
C LYS A 44 13.76 6.10 5.38
N THR A 45 14.95 5.83 5.87
CA THR A 45 16.12 6.56 5.45
C THR A 45 16.80 5.79 4.34
N ILE A 46 17.19 6.50 3.28
CA ILE A 46 17.94 5.91 2.18
C ILE A 46 19.38 6.36 2.38
N TYR A 47 20.30 5.42 2.38
CA TYR A 47 21.68 5.77 2.65
C TYR A 47 22.44 5.91 1.35
N GLU A 48 23.46 6.78 1.38
CA GLU A 48 24.31 6.93 0.22
C GLU A 48 25.08 5.65 -0.06
N ASN A 49 25.47 4.94 0.99
CA ASN A 49 26.28 3.74 0.86
C ASN A 49 25.85 2.71 1.89
N GLU A 50 25.60 1.51 1.39
CA GLU A 50 25.36 0.40 2.33
C GLU A 50 26.56 0.43 3.27
N GLY A 51 26.30 0.44 4.57
CA GLY A 51 27.40 0.38 5.54
C GLY A 51 28.03 1.72 5.79
N PHE A 52 27.31 2.79 5.48
CA PHE A 52 27.82 4.17 5.74
C PHE A 52 26.62 4.99 6.24
N ARG A 53 26.88 6.02 7.04
CA ARG A 53 25.83 6.80 7.67
C ARG A 53 25.35 7.99 6.85
N GLU A 54 26.05 8.33 5.77
CA GLU A 54 25.64 9.46 4.94
C GLU A 54 24.26 9.19 4.37
N ILE A 55 23.34 10.08 4.67
CA ILE A 55 21.95 9.93 4.25
C ILE A 55 21.77 10.47 2.84
N LYS A 56 21.23 9.64 1.97
CA LYS A 56 20.89 10.07 0.63
C LYS A 56 19.52 10.75 0.62
N GLY A 57 18.57 10.22 1.35
CA GLY A 57 17.26 10.81 1.33
C GLY A 57 16.34 9.95 2.14
N TYR A 58 15.06 10.22 1.97
CA TYR A 58 14.06 9.53 2.73
C TYR A 58 12.99 9.06 1.80
N GLU A 59 12.24 8.09 2.27
CA GLU A 59 11.00 7.73 1.64
C GLU A 59 9.95 7.78 2.71
N TYR A 60 8.77 8.26 2.37
CA TYR A 60 7.67 8.28 3.30
C TYR A 60 6.53 7.50 2.71
N GLN A 61 5.78 6.88 3.58
CA GLN A 61 4.52 6.28 3.17
C GLN A 61 3.47 6.97 4.00
N LEU A 62 2.48 7.51 3.33
CA LEU A 62 1.46 8.30 3.99
C LEU A 62 0.11 7.78 3.57
N TYR A 63 -0.83 7.92 4.49
CA TYR A 63 -2.22 7.71 4.19
C TYR A 63 -2.86 9.08 4.20
N VAL A 64 -3.38 9.48 3.07
CA VAL A 64 -3.89 10.83 2.89
C VAL A 64 -5.32 10.76 2.47
N ILE A 65 -6.16 11.48 3.17
CA ILE A 65 -7.55 11.61 2.78
C ILE A 65 -7.63 12.83 1.90
N ALA A 66 -8.16 12.66 0.71
CA ALA A 66 -8.39 13.74 -0.20
C ALA A 66 -9.74 13.49 -0.83
N SER A 67 -10.55 14.53 -0.88
CA SER A 67 -11.88 14.43 -1.44
C SER A 67 -12.61 13.25 -0.85
N ASP A 68 -12.46 13.07 0.46
CA ASP A 68 -13.18 12.05 1.21
C ASP A 68 -12.80 10.64 0.79
N LYS A 69 -11.63 10.50 0.22
CA LYS A 69 -11.15 9.20 -0.19
C LYS A 69 -9.78 9.01 0.41
N LEU A 70 -9.46 7.78 0.78
CA LEU A 70 -8.19 7.51 1.44
C LEU A 70 -7.20 6.95 0.44
N PHE A 71 -6.09 7.61 0.30
CA PHE A 71 -5.05 7.19 -0.61
C PHE A 71 -3.80 6.85 0.17
N ARG A 72 -2.97 6.03 -0.46
CA ARG A 72 -1.66 5.75 0.12
C ARG A 72 -0.64 6.34 -0.84
N ALA A 73 0.25 7.12 -0.30
CA ALA A 73 1.20 7.84 -1.11
C ALA A 73 2.57 7.48 -0.63
N ASP A 74 3.47 7.35 -1.57
CA ASP A 74 4.87 7.15 -1.30
C ASP A 74 5.59 8.34 -1.87
N ILE A 75 6.45 8.92 -1.07
CA ILE A 75 7.12 10.15 -1.41
C ILE A 75 8.60 9.96 -1.13
N SER A 76 9.43 10.36 -2.08
CA SER A 76 10.85 10.40 -1.80
C SER A 76 11.23 11.83 -1.47
N GLU A 77 12.27 11.97 -0.68
CA GLU A 77 12.76 13.30 -0.32
C GLU A 77 14.27 13.23 -0.29
N ASP A 78 14.90 14.09 -1.08
CA ASP A 78 16.34 14.08 -1.16
C ASP A 78 16.90 14.73 0.07
N TYR A 79 17.95 14.13 0.63
CA TYR A 79 18.49 14.67 1.87
C TYR A 79 19.06 16.07 1.68
N LYS A 80 19.86 16.26 0.62
CA LYS A 80 20.61 17.51 0.46
C LYS A 80 19.68 18.65 0.09
N THR A 81 18.77 18.40 -0.85
CA THR A 81 17.94 19.46 -1.41
C THR A 81 16.54 19.48 -0.83
N ARG A 82 16.11 18.42 -0.17
CA ARG A 82 14.74 18.27 0.30
C ARG A 82 13.75 18.21 -0.85
N ARG A 83 14.24 18.01 -2.07
CA ARG A 83 13.36 17.86 -3.21
C ARG A 83 12.56 16.58 -3.05
N ARG A 84 11.28 16.69 -3.30
CA ARG A 84 10.35 15.61 -3.08
C ARG A 84 9.80 15.14 -4.39
N LYS A 85 9.47 13.87 -4.43
CA LYS A 85 8.85 13.30 -5.60
C LYS A 85 7.78 12.36 -5.11
N LEU A 86 6.63 12.43 -5.74
CA LEU A 86 5.58 11.46 -5.49
C LEU A 86 5.96 10.21 -6.24
N LEU A 87 6.22 9.16 -5.52
CA LEU A 87 6.61 7.93 -6.16
C LEU A 87 5.41 7.12 -6.55
N ARG A 88 4.44 7.06 -5.66
CA ARG A 88 3.29 6.22 -5.90
C ARG A 88 2.13 6.87 -5.20
N PHE A 89 0.96 6.65 -5.73
CA PHE A 89 -0.23 7.22 -5.16
C PHE A 89 -1.33 6.29 -5.59
N GLU A 90 -1.98 5.66 -4.64
CA GLU A 90 -2.94 4.64 -4.98
C GLU A 90 -4.11 4.77 -4.06
N GLY A 91 -5.24 4.35 -4.54
CA GLY A 91 -6.38 4.27 -3.69
C GLY A 91 -7.60 4.43 -4.52
N PRO A 92 -8.75 4.44 -3.87
CA PRO A 92 -8.83 4.41 -2.41
C PRO A 92 -8.35 3.11 -1.81
N VAL A 93 -7.69 3.21 -0.67
CA VAL A 93 -7.09 2.05 -0.04
C VAL A 93 -7.84 1.69 1.24
N PRO A 94 -7.67 0.49 1.75
CA PRO A 94 -8.30 0.14 3.01
C PRO A 94 -7.77 1.03 4.13
N PRO A 95 -8.58 1.29 5.13
CA PRO A 95 -8.08 2.00 6.29
C PRO A 95 -6.93 1.23 6.89
N PRO A 96 -5.88 1.90 7.28
CA PRO A 96 -4.73 1.25 7.87
C PRO A 96 -4.91 1.03 9.36
N GLY B 1 -16.09 2.19 4.70
CA GLY B 1 -16.77 1.09 5.38
C GLY B 1 -16.74 -0.18 4.54
N GLU B 2 -16.47 -0.02 3.25
CA GLU B 2 -16.41 -1.15 2.33
C GLU B 2 -15.46 -2.25 2.82
N TRP B 3 -14.43 -1.88 3.56
CA TRP B 3 -13.40 -2.83 3.90
C TRP B 3 -13.64 -3.37 5.28
N GLU B 4 -13.40 -4.65 5.44
CA GLU B 4 -13.47 -5.21 6.77
C GLU B 4 -12.19 -5.96 7.01
N GLU B 5 -11.73 -5.93 8.23
CA GLU B 5 -10.55 -6.67 8.56
C GLU B 5 -10.95 -8.10 8.85
N ILE B 6 -10.26 -9.03 8.21
CA ILE B 6 -10.56 -10.44 8.34
C ILE B 6 -9.41 -11.11 9.02
N ASP B 7 -9.62 -12.36 9.37
CA ASP B 7 -8.64 -13.11 10.12
C ASP B 7 -7.47 -13.43 9.23
N ILE B 8 -6.42 -13.87 9.87
CA ILE B 8 -5.21 -14.26 9.16
C ILE B 8 -5.03 -15.77 9.27
N GLY B 9 -6.12 -16.52 9.33
CA GLY B 9 -6.04 -17.94 9.35
C GLY B 9 -5.71 -18.51 7.99
N PRO B 10 -5.92 -19.80 7.84
CA PRO B 10 -5.43 -20.51 6.66
C PRO B 10 -5.93 -19.93 5.37
N PHE B 11 -7.18 -19.48 5.30
CA PHE B 11 -7.63 -18.96 4.03
C PHE B 11 -6.85 -17.72 3.65
N THR B 12 -6.55 -16.89 4.64
CA THR B 12 -5.74 -15.71 4.39
C THR B 12 -4.31 -16.09 4.09
N GLN B 13 -3.76 -17.05 4.83
CA GLN B 13 -2.42 -17.49 4.49
C GLN B 13 -2.38 -17.97 3.06
N ASN B 14 -3.41 -18.67 2.61
CA ASN B 14 -3.40 -19.17 1.24
C ASN B 14 -3.56 -18.05 0.23
N LEU B 15 -4.23 -16.96 0.60
CA LEU B 15 -4.23 -15.79 -0.27
C LEU B 15 -2.84 -15.22 -0.37
N GLY B 16 -2.10 -15.27 0.71
CA GLY B 16 -0.73 -14.78 0.67
C GLY B 16 0.12 -15.66 -0.20
N LYS B 17 -0.10 -16.95 -0.15
CA LYS B 17 0.66 -17.84 -1.01
C LYS B 17 0.33 -17.57 -2.47
N PHE B 18 -0.94 -17.34 -2.76
CA PHE B 18 -1.30 -16.93 -4.10
C PHE B 18 -0.57 -15.67 -4.48
N ALA B 19 -0.59 -14.67 -3.61
CA ALA B 19 0.08 -13.42 -3.93
C ALA B 19 1.54 -13.65 -4.24
N VAL B 20 2.21 -14.44 -3.41
CA VAL B 20 3.64 -14.66 -3.64
C VAL B 20 3.85 -15.46 -4.90
N ASP B 21 3.02 -16.47 -5.15
CA ASP B 21 3.15 -17.22 -6.38
C ASP B 21 3.00 -16.31 -7.56
N GLU B 22 2.06 -15.39 -7.50
CA GLU B 22 1.87 -14.48 -8.62
C GLU B 22 2.97 -13.46 -8.68
N ALA B 23 3.45 -13.00 -7.54
CA ALA B 23 4.59 -12.09 -7.56
C ALA B 23 5.79 -12.78 -8.15
N ASN B 24 5.91 -14.07 -7.91
CA ASN B 24 7.04 -14.80 -8.47
C ASN B 24 6.94 -14.92 -9.97
N LYS B 25 5.74 -15.10 -10.50
CA LYS B 25 5.58 -15.06 -11.93
C LYS B 25 6.01 -13.72 -12.47
N ARG B 26 5.64 -12.63 -11.79
CA ARG B 26 6.00 -11.33 -12.31
C ARG B 26 7.48 -11.06 -12.15
N GLY B 27 8.07 -11.53 -11.07
CA GLY B 27 9.53 -11.55 -10.95
C GLY B 27 10.17 -10.27 -10.50
N GLN B 28 9.40 -9.26 -10.10
CA GLN B 28 9.96 -7.96 -9.73
C GLN B 28 10.96 -8.10 -8.58
N TYR B 29 10.79 -9.10 -7.74
CA TYR B 29 11.66 -9.30 -6.59
C TYR B 29 12.41 -10.60 -6.70
N GLY B 30 12.46 -11.19 -7.89
CA GLY B 30 12.95 -12.53 -8.01
C GLY B 30 12.05 -13.48 -7.27
N ARG B 31 12.53 -14.71 -7.12
CA ARG B 31 11.74 -15.73 -6.46
C ARG B 31 11.66 -15.39 -4.99
N LEU B 32 10.45 -15.23 -4.51
CA LEU B 32 10.20 -15.00 -3.10
C LEU B 32 9.69 -16.27 -2.49
N THR B 33 10.03 -16.46 -1.24
CA THR B 33 9.61 -17.63 -0.51
C THR B 33 8.57 -17.20 0.49
N PHE B 34 7.34 -17.58 0.24
CA PHE B 34 6.28 -17.24 1.17
C PHE B 34 6.63 -17.64 2.59
N ASN B 35 6.43 -16.71 3.51
CA ASN B 35 6.57 -17.04 4.91
C ASN B 35 5.21 -17.00 5.58
N LYS B 36 4.55 -15.86 5.59
CA LYS B 36 3.27 -15.79 6.28
C LYS B 36 2.61 -14.49 5.93
N VAL B 37 1.32 -14.48 6.06
CA VAL B 37 0.55 -13.26 6.02
C VAL B 37 0.37 -12.81 7.45
N ILE B 38 0.59 -11.53 7.67
CA ILE B 38 0.39 -10.94 8.98
C ILE B 38 -0.83 -10.06 8.93
N ARG B 39 -1.34 -9.76 10.11
CA ARG B 39 -2.42 -8.80 10.15
C ARG B 39 -1.86 -7.41 9.79
N PRO B 40 -2.70 -6.52 9.32
CA PRO B 40 -4.12 -6.66 9.09
C PRO B 40 -4.37 -7.17 7.69
N CYS B 41 -5.36 -8.01 7.54
CA CYS B 41 -5.83 -8.41 6.23
C CYS B 41 -7.19 -7.80 6.03
N MET B 42 -7.36 -7.09 4.95
CA MET B 42 -8.59 -6.37 4.70
C MET B 42 -9.27 -6.94 3.49
N LYS B 43 -10.57 -6.98 3.55
CA LYS B 43 -11.36 -7.54 2.48
C LYS B 43 -12.48 -6.58 2.15
N LYS B 44 -12.66 -6.36 0.86
CA LYS B 44 -13.77 -5.58 0.38
C LYS B 44 -14.65 -6.52 -0.43
N THR B 45 -15.93 -6.40 -0.25
CA THR B 45 -16.87 -7.16 -1.04
C THR B 45 -17.43 -6.27 -2.12
N ILE B 46 -17.44 -6.79 -3.32
CA ILE B 46 -17.96 -6.07 -4.47
C ILE B 46 -19.25 -6.73 -4.86
N TYR B 47 -20.27 -5.94 -5.03
CA TYR B 47 -21.57 -6.44 -5.40
C TYR B 47 -21.84 -6.05 -6.83
N GLU B 48 -22.64 -6.87 -7.48
CA GLU B 48 -23.18 -6.47 -8.77
C GLU B 48 -24.00 -5.23 -8.59
N ASN B 49 -23.94 -4.36 -9.58
CA ASN B 49 -24.66 -3.11 -9.49
C ASN B 49 -26.14 -3.25 -9.78
N GLU B 50 -26.54 -4.29 -10.45
CA GLU B 50 -27.92 -4.38 -10.90
C GLU B 50 -28.46 -5.77 -10.61
N GLY B 51 -29.74 -5.98 -10.92
CA GLY B 51 -30.25 -7.33 -10.85
C GLY B 51 -30.41 -7.77 -9.42
N PHE B 52 -29.82 -8.90 -9.11
CA PHE B 52 -29.83 -9.36 -7.73
C PHE B 52 -28.86 -8.62 -6.88
N ARG B 53 -27.99 -7.82 -7.48
CA ARG B 53 -26.93 -7.15 -6.74
C ARG B 53 -26.17 -8.14 -5.90
N GLU B 54 -25.98 -9.32 -6.46
CA GLU B 54 -25.35 -10.37 -5.70
C GLU B 54 -23.88 -10.07 -5.56
N ILE B 55 -23.26 -10.69 -4.56
CA ILE B 55 -21.83 -10.54 -4.40
C ILE B 55 -21.17 -10.95 -5.69
N LYS B 56 -20.34 -10.08 -6.21
CA LYS B 56 -19.61 -10.34 -7.42
C LYS B 56 -18.23 -10.89 -7.11
N GLY B 57 -17.65 -10.51 -5.98
CA GLY B 57 -16.31 -10.92 -5.69
C GLY B 57 -15.74 -10.05 -4.61
N TYR B 58 -14.44 -10.14 -4.47
CA TYR B 58 -13.81 -9.56 -3.31
C TYR B 58 -12.52 -8.93 -3.75
N GLU B 59 -12.03 -8.05 -2.91
CA GLU B 59 -10.69 -7.56 -3.03
C GLU B 59 -10.07 -7.70 -1.67
N TYR B 60 -8.86 -8.14 -1.64
CA TYR B 60 -8.16 -8.30 -0.39
C TYR B 60 -6.92 -7.46 -0.43
N GLN B 61 -6.53 -6.95 0.70
CA GLN B 61 -5.21 -6.38 0.87
C GLN B 61 -4.53 -7.18 1.94
N LEU B 62 -3.36 -7.67 1.65
CA LEU B 62 -2.62 -8.53 2.54
C LEU B 62 -1.25 -7.96 2.73
N TYR B 63 -0.69 -8.22 3.88
CA TYR B 63 0.70 -7.97 4.16
C TYR B 63 1.34 -9.32 4.31
N VAL B 64 2.25 -9.62 3.41
CA VAL B 64 2.82 -10.94 3.35
C VAL B 64 4.31 -10.85 3.51
N ILE B 65 4.84 -11.63 4.39
CA ILE B 65 6.28 -11.75 4.54
C ILE B 65 6.70 -12.83 3.59
N ALA B 66 7.66 -12.50 2.74
CA ALA B 66 8.19 -13.49 1.82
C ALA B 66 9.66 -13.19 1.72
N SER B 67 10.48 -14.21 1.83
CA SER B 67 11.93 -14.03 1.80
C SER B 67 12.35 -12.97 2.80
N ASP B 68 11.70 -12.99 3.97
CA ASP B 68 12.04 -12.15 5.10
C ASP B 68 11.82 -10.67 4.82
N LYS B 69 11.01 -10.37 3.83
CA LYS B 69 10.65 -8.99 3.53
C LYS B 69 9.15 -8.88 3.56
N LEU B 70 8.65 -7.72 3.90
CA LEU B 70 7.23 -7.50 4.00
C LEU B 70 6.71 -6.84 2.76
N PHE B 71 5.70 -7.45 2.15
CA PHE B 71 5.11 -6.94 0.94
C PHE B 71 3.66 -6.69 1.19
N ARG B 72 3.11 -5.82 0.38
CA ARG B 72 1.68 -5.59 0.44
C ARG B 72 1.12 -6.06 -0.88
N ALA B 73 0.11 -6.88 -0.79
CA ALA B 73 -0.49 -7.41 -1.98
C ALA B 73 -1.96 -7.08 -2.02
N ASP B 74 -2.41 -6.87 -3.22
CA ASP B 74 -3.82 -6.61 -3.46
C ASP B 74 -4.27 -7.73 -4.38
N ILE B 75 -5.38 -8.37 -4.02
CA ILE B 75 -5.81 -9.52 -4.77
C ILE B 75 -7.29 -9.37 -5.00
N SER B 76 -7.73 -9.68 -6.19
CA SER B 76 -9.15 -9.76 -6.42
C SER B 76 -9.55 -11.22 -6.48
N GLU B 77 -10.80 -11.50 -6.12
CA GLU B 77 -11.32 -12.85 -6.18
C GLU B 77 -12.73 -12.78 -6.72
N ASP B 78 -13.00 -13.53 -7.77
CA ASP B 78 -14.33 -13.56 -8.33
C ASP B 78 -15.19 -14.50 -7.51
N TYR B 79 -16.43 -14.10 -7.27
CA TYR B 79 -17.26 -14.93 -6.41
C TYR B 79 -17.62 -16.23 -7.11
N LYS B 80 -18.10 -16.14 -8.36
CA LYS B 80 -18.62 -17.32 -9.05
C LYS B 80 -17.51 -18.32 -9.34
N THR B 81 -16.36 -17.82 -9.81
CA THR B 81 -15.27 -18.73 -10.28
C THR B 81 -14.12 -18.89 -9.29
N ARG B 82 -14.07 -18.09 -8.20
CA ARG B 82 -12.96 -18.08 -7.18
C ARG B 82 -11.67 -17.71 -7.92
N ARG B 83 -11.83 -17.18 -9.12
CA ARG B 83 -10.61 -16.78 -9.85
C ARG B 83 -9.95 -15.63 -9.10
N ARG B 84 -8.66 -15.78 -8.85
CA ARG B 84 -7.93 -14.72 -8.13
C ARG B 84 -6.96 -14.03 -9.08
N LYS B 85 -6.76 -12.76 -8.84
CA LYS B 85 -5.80 -12.02 -9.62
C LYS B 85 -4.99 -11.17 -8.68
N LEU B 86 -3.68 -11.18 -8.88
CA LEU B 86 -2.83 -10.28 -8.14
C LEU B 86 -2.95 -8.92 -8.78
N LEU B 87 -3.45 -7.97 -8.02
CA LEU B 87 -3.65 -6.63 -8.56
C LEU B 87 -2.43 -5.77 -8.38
N ARG B 88 -1.72 -5.92 -7.27
CA ARG B 88 -0.58 -5.08 -6.93
C ARG B 88 0.23 -5.86 -5.93
N PHE B 89 1.54 -5.70 -5.95
CA PHE B 89 2.39 -6.41 -5.02
C PHE B 89 3.63 -5.56 -4.89
N GLU B 90 3.83 -5.01 -3.73
CA GLU B 90 4.84 -3.98 -3.61
C GLU B 90 5.56 -4.20 -2.31
N GLY B 91 6.80 -3.78 -2.26
CA GLY B 91 7.53 -3.89 -1.04
C GLY B 91 8.97 -3.58 -1.26
N PRO B 92 9.74 -3.57 -0.18
CA PRO B 92 9.26 -3.87 1.16
C PRO B 92 8.53 -2.71 1.72
N VAL B 93 7.41 -3.01 2.33
CA VAL B 93 6.53 -1.96 2.80
C VAL B 93 6.71 -1.79 4.29
N PRO B 94 6.28 -0.66 4.84
CA PRO B 94 6.35 -0.48 6.27
C PRO B 94 5.49 -1.51 6.99
N PRO B 95 5.88 -1.88 8.20
CA PRO B 95 5.01 -2.70 9.02
C PRO B 95 3.69 -1.99 9.23
N PRO B 96 2.59 -2.67 9.06
CA PRO B 96 1.26 -2.04 9.12
C PRO B 96 0.73 -1.99 10.55
#